data_5AAG
#
_entry.id   5AAG
#
_cell.length_a   82.590
_cell.length_b   82.590
_cell.length_c   168.840
_cell.angle_alpha   90.00
_cell.angle_beta   90.00
_cell.angle_gamma   120.00
#
_symmetry.space_group_name_H-M   'P 61 2 2'
#
loop_
_entity.id
_entity.type
_entity.pdbx_description
1 polymer 'AURORA KINASE A'
2 non-polymer [3-[[4-[6-chloranyl-2-(1,3-dimethylpyrazol-4-yl)-3H-imidazo[4,5-b]pyridin-7-yl]pyrazol-1-yl]methyl]phenyl]-(4-methylpiperazin-1-yl)methanone
#
_entity_poly.entity_id   1
_entity_poly.type   'polypeptide(L)'
_entity_poly.pdbx_seq_one_letter_code
;GAMESKKRQWALEDFEIGRPLGKGKFGNVYLAREKQSKFILALKVLFKAQLEKAGVEHQLRREVEIQSHLRHPNILRLYG
YFHDATRVYLILEYAPLGTVYRELQKLSKFDEQRTATYITELANALSYCHSKRVIHRDIKPENLLLGSAGELKIADFGWS
VHAPSSRRTTLAGTLDYLPPEMIEGRMHDEKVDLWSLGVLCYEFLVGKPPFEANTYQETYKRISRVEFTFPDFVTEGARD
LISRLLKHNPSQRPMLREVLEHPWITANSSKPSNAQNKESASKQS
;
_entity_poly.pdbx_strand_id   A
#
loop_
_chem_comp.id
_chem_comp.type
_chem_comp.name
_chem_comp.formula
6F2 non-polymer [3-[[4-[6-chloranyl-2-(1,3-dimethylpyrazol-4-yl)-3H-imidazo[4,5-b]pyridin-7-yl]pyrazol-1-yl]methyl]phenyl]-(4-methylpiperazin-1-yl)methanone 'C27 H28 Cl N9 O'
#
# COMPACT_ATOMS: atom_id res chain seq x y z
N GLN A 9 23.76 -14.95 2.65
CA GLN A 9 24.62 -14.21 3.56
C GLN A 9 25.13 -12.94 2.90
N TRP A 10 24.53 -11.80 3.26
CA TRP A 10 24.91 -10.53 2.66
C TRP A 10 25.70 -9.65 3.61
N ALA A 11 26.27 -8.58 3.06
CA ALA A 11 26.98 -7.57 3.84
C ALA A 11 26.71 -6.19 3.23
N LEU A 12 27.28 -5.16 3.84
CA LEU A 12 27.03 -3.80 3.36
C LEU A 12 28.07 -3.37 2.32
N GLU A 13 29.19 -4.09 2.27
CA GLU A 13 30.24 -3.77 1.32
C GLU A 13 29.97 -4.41 -0.03
N ASP A 14 28.84 -5.11 -0.14
CA ASP A 14 28.45 -5.74 -1.39
C ASP A 14 27.73 -4.75 -2.30
N PHE A 15 27.41 -3.58 -1.75
CA PHE A 15 26.60 -2.60 -2.47
C PHE A 15 27.27 -1.23 -2.59
N GLU A 16 26.94 -0.53 -3.65
CA GLU A 16 27.31 0.86 -3.83
C GLU A 16 26.07 1.73 -3.69
N ILE A 17 25.97 2.45 -2.59
CA ILE A 17 24.80 3.29 -2.31
C ILE A 17 24.81 4.52 -3.21
N GLY A 18 23.62 5.03 -3.52
CA GLY A 18 23.49 6.19 -4.38
C GLY A 18 22.42 7.17 -3.95
N ARG A 19 21.58 7.57 -4.90
CA ARG A 19 20.55 8.58 -4.67
C ARG A 19 19.53 8.16 -3.62
N PRO A 20 19.24 9.05 -2.66
CA PRO A 20 18.19 8.81 -1.68
C PRO A 20 16.82 8.82 -2.34
N LEU A 21 16.08 7.72 -2.22
CA LEU A 21 14.77 7.60 -2.84
C LEU A 21 13.69 8.20 -1.96
N GLY A 22 13.99 8.35 -0.68
CA GLY A 22 13.06 8.95 0.25
C GLY A 22 13.42 8.68 1.70
N LYS A 23 12.89 9.51 2.60
CA LYS A 23 13.15 9.37 4.03
C LYS A 23 11.88 8.98 4.78
N GLY A 24 12.04 8.12 5.78
CA GLY A 24 10.92 7.67 6.59
C GLY A 24 11.25 7.70 8.07
N LYS A 25 10.24 7.50 8.91
CA LYS A 25 10.43 7.49 10.35
C LYS A 25 11.30 6.31 10.78
N PHE A 26 11.17 5.20 10.06
CA PHE A 26 11.96 4.00 10.36
C PHE A 26 13.37 4.14 9.80
N GLY A 27 13.51 4.92 8.74
CA GLY A 27 14.80 5.12 8.09
C GLY A 27 14.62 5.57 6.65
N ASN A 28 15.73 5.75 5.95
CA ASN A 28 15.68 6.23 4.58
C ASN A 28 15.90 5.13 3.54
N VAL A 29 15.36 5.34 2.35
CA VAL A 29 15.52 4.40 1.25
C VAL A 29 16.48 4.95 0.21
N TYR A 30 17.53 4.21 -0.09
CA TYR A 30 18.54 4.64 -1.06
C TYR A 30 18.59 3.71 -2.27
N LEU A 31 18.84 4.29 -3.43
CA LEU A 31 19.13 3.50 -4.62
C LEU A 31 20.49 2.83 -4.46
N ALA A 32 20.59 1.57 -4.83
CA ALA A 32 21.84 0.83 -4.67
C ALA A 32 22.06 -0.17 -5.77
N ARG A 33 23.32 -0.51 -6.01
CA ARG A 33 23.69 -1.50 -7.01
C ARG A 33 24.66 -2.51 -6.42
N GLU A 34 24.41 -3.80 -6.65
CA GLU A 34 25.33 -4.83 -6.21
C GLU A 34 26.58 -4.81 -7.08
N LYS A 35 27.74 -4.84 -6.42
CA LYS A 35 29.02 -4.67 -7.10
C LYS A 35 29.29 -5.76 -8.14
N GLN A 36 29.03 -7.01 -7.78
CA GLN A 36 29.40 -8.14 -8.63
C GLN A 36 28.52 -8.31 -9.85
N SER A 37 27.21 -8.30 -9.65
CA SER A 37 26.27 -8.51 -10.74
C SER A 37 25.80 -7.21 -11.37
N LYS A 38 26.20 -6.08 -10.77
CA LYS A 38 25.78 -4.77 -11.24
C LYS A 38 24.27 -4.64 -11.23
N PHE A 39 23.64 -5.32 -10.26
CA PHE A 39 22.18 -5.33 -10.14
C PHE A 39 21.68 -4.09 -9.42
N ILE A 40 20.67 -3.44 -9.99
CA ILE A 40 20.08 -2.25 -9.39
C ILE A 40 18.88 -2.61 -8.51
N LEU A 41 18.81 -2.00 -7.33
CA LEU A 41 17.76 -2.30 -6.38
C LEU A 41 17.62 -1.20 -5.33
N ALA A 42 16.54 -1.27 -4.56
CA ALA A 42 16.32 -0.31 -3.47
C ALA A 42 16.80 -0.90 -2.15
N LEU A 43 17.52 -0.10 -1.38
CA LEU A 43 18.08 -0.55 -0.12
C LEU A 43 17.56 0.30 1.05
N LYS A 44 16.62 -0.26 1.81
CA LYS A 44 16.05 0.45 2.95
C LYS A 44 16.88 0.28 4.21
N VAL A 45 17.27 1.39 4.81
CA VAL A 45 18.12 1.38 6.00
C VAL A 45 17.38 1.77 7.27
N LEU A 46 17.38 0.87 8.25
CA LEU A 46 16.71 1.12 9.53
C LEU A 46 17.70 0.98 10.69
N PHE A 47 17.65 1.92 11.63
CA PHE A 47 18.53 1.89 12.79
C PHE A 47 17.99 0.96 13.89
N LYS A 48 18.86 0.10 14.40
CA LYS A 48 18.48 -0.89 15.39
C LYS A 48 18.05 -0.25 16.72
N ALA A 49 18.61 0.92 17.02
CA ALA A 49 18.30 1.61 18.27
C ALA A 49 16.89 2.19 18.25
N GLN A 50 16.54 2.84 17.14
CA GLN A 50 15.21 3.43 17.00
C GLN A 50 14.14 2.36 16.80
N LEU A 51 14.58 1.14 16.53
CA LEU A 51 13.66 0.01 16.37
C LEU A 51 13.26 -0.57 17.72
N GLU A 52 14.16 -0.46 18.69
CA GLU A 52 13.89 -0.95 20.04
C GLU A 52 12.91 -0.02 20.76
N LYS A 53 13.05 1.27 20.53
CA LYS A 53 12.20 2.27 21.18
C LYS A 53 10.75 2.17 20.70
N ALA A 54 10.55 1.55 19.55
CA ALA A 54 9.21 1.34 19.00
C ALA A 54 8.73 -0.08 19.28
N GLY A 55 9.69 -0.99 19.45
CA GLY A 55 9.38 -2.38 19.75
C GLY A 55 8.52 -3.05 18.70
N VAL A 56 9.04 -3.10 17.47
CA VAL A 56 8.29 -3.69 16.37
C VAL A 56 9.15 -4.72 15.63
N GLU A 57 10.04 -5.36 16.38
CA GLU A 57 10.92 -6.39 15.81
C GLU A 57 10.11 -7.59 15.33
N HIS A 58 8.89 -7.71 15.83
CA HIS A 58 7.99 -8.79 15.43
C HIS A 58 7.37 -8.52 14.07
N GLN A 59 7.11 -7.24 13.79
CA GLN A 59 6.50 -6.84 12.53
C GLN A 59 7.54 -6.75 11.41
N LEU A 60 8.78 -6.40 11.77
CA LEU A 60 9.87 -6.37 10.82
C LEU A 60 10.24 -7.79 10.40
N ARG A 61 10.16 -8.70 11.37
CA ARG A 61 10.42 -10.12 11.11
C ARG A 61 9.22 -10.77 10.43
N ARG A 62 8.04 -10.18 10.63
CA ARG A 62 6.83 -10.65 9.97
C ARG A 62 6.74 -10.09 8.56
N GLU A 63 7.11 -8.82 8.41
CA GLU A 63 7.13 -8.18 7.10
C GLU A 63 8.17 -8.83 6.20
N VAL A 64 9.29 -9.22 6.79
CA VAL A 64 10.34 -9.93 6.07
C VAL A 64 9.88 -11.35 5.74
N GLU A 65 9.22 -11.98 6.70
CA GLU A 65 8.73 -13.35 6.52
C GLU A 65 7.63 -13.41 5.47
N ILE A 66 6.71 -12.45 5.51
CA ILE A 66 5.56 -12.46 4.61
C ILE A 66 5.92 -12.02 3.19
N GLN A 67 6.70 -10.96 3.07
CA GLN A 67 7.00 -10.39 1.76
C GLN A 67 8.16 -11.11 1.07
N SER A 68 8.76 -12.07 1.76
CA SER A 68 9.90 -12.80 1.22
C SER A 68 9.50 -13.72 0.06
N HIS A 69 8.79 -14.80 0.38
CA HIS A 69 8.41 -15.77 -0.63
C HIS A 69 7.03 -15.47 -1.22
N LEU A 70 6.67 -14.20 -1.22
CA LEU A 70 5.47 -13.74 -1.93
C LEU A 70 5.84 -13.28 -3.33
N ARG A 71 5.52 -14.10 -4.33
CA ARG A 71 5.87 -13.79 -5.71
C ARG A 71 4.64 -13.39 -6.53
N HIS A 72 4.57 -12.11 -6.88
CA HIS A 72 3.49 -11.59 -7.71
C HIS A 72 3.96 -10.33 -8.43
N PRO A 73 3.55 -10.17 -9.70
CA PRO A 73 4.00 -9.05 -10.55
C PRO A 73 3.59 -7.67 -10.02
N ASN A 74 2.54 -7.63 -9.19
CA ASN A 74 2.08 -6.36 -8.65
C ASN A 74 2.53 -6.17 -7.21
N ILE A 75 3.42 -7.05 -6.75
CA ILE A 75 3.97 -6.95 -5.40
C ILE A 75 5.48 -6.77 -5.45
N LEU A 76 5.98 -5.80 -4.69
CA LEU A 76 7.40 -5.49 -4.67
C LEU A 76 8.19 -6.63 -4.01
N ARG A 77 9.08 -7.25 -4.79
CA ARG A 77 9.87 -8.37 -4.31
C ARG A 77 10.82 -7.98 -3.18
N LEU A 78 10.91 -8.85 -2.18
CA LEU A 78 11.92 -8.71 -1.14
C LEU A 78 12.98 -9.77 -1.35
N TYR A 79 14.14 -9.35 -1.86
CA TYR A 79 15.19 -10.28 -2.25
C TYR A 79 15.90 -10.93 -1.07
N GLY A 80 16.26 -10.12 -0.07
CA GLY A 80 16.97 -10.62 1.09
C GLY A 80 17.19 -9.57 2.16
N TYR A 81 18.08 -9.86 3.10
CA TYR A 81 18.35 -8.94 4.20
C TYR A 81 19.66 -9.27 4.90
N PHE A 82 20.14 -8.30 5.69
CA PHE A 82 21.35 -8.46 6.49
C PHE A 82 21.41 -7.32 7.50
N HIS A 83 22.50 -7.25 8.26
CA HIS A 83 22.62 -6.19 9.26
C HIS A 83 24.03 -6.04 9.82
N ASP A 84 24.43 -4.80 10.04
CA ASP A 84 25.64 -4.50 10.78
C ASP A 84 25.32 -4.45 12.27
N ALA A 85 26.11 -3.69 13.02
CA ALA A 85 25.82 -3.51 14.43
C ALA A 85 24.85 -2.35 14.65
N THR A 86 25.05 -1.29 13.88
CA THR A 86 24.28 -0.06 14.06
C THR A 86 22.86 -0.14 13.52
N ARG A 87 22.69 -0.67 12.32
CA ARG A 87 21.39 -0.63 11.65
C ARG A 87 20.95 -1.98 11.11
N VAL A 88 19.89 -1.95 10.32
CA VAL A 88 19.36 -3.15 9.66
C VAL A 88 18.94 -2.83 8.22
N TYR A 89 19.53 -3.55 7.26
CA TYR A 89 19.34 -3.24 5.86
C TYR A 89 18.44 -4.25 5.17
N LEU A 90 17.50 -3.74 4.36
CA LEU A 90 16.63 -4.59 3.57
C LEU A 90 16.89 -4.40 2.08
N ILE A 91 16.96 -5.51 1.35
CA ILE A 91 17.25 -5.46 -0.09
C ILE A 91 15.99 -5.70 -0.92
N LEU A 92 15.40 -4.61 -1.40
CA LEU A 92 14.13 -4.68 -2.11
C LEU A 92 14.29 -4.51 -3.62
N GLU A 93 13.20 -4.75 -4.35
CA GLU A 93 13.16 -4.47 -5.78
C GLU A 93 13.11 -2.95 -5.98
N TYR A 94 13.58 -2.50 -7.14
CA TYR A 94 13.58 -1.08 -7.45
C TYR A 94 12.43 -0.74 -8.41
N ALA A 95 11.68 0.31 -8.09
CA ALA A 95 10.56 0.74 -8.92
C ALA A 95 10.94 1.99 -9.69
N PRO A 96 11.31 1.82 -10.97
CA PRO A 96 11.82 2.88 -11.86
C PRO A 96 10.94 4.13 -11.94
N LEU A 97 9.63 3.96 -11.96
CA LEU A 97 8.72 5.08 -12.14
C LEU A 97 8.23 5.70 -10.83
N GLY A 98 8.84 5.29 -9.73
CA GLY A 98 8.55 5.91 -8.44
C GLY A 98 7.24 5.51 -7.81
N THR A 99 6.75 6.35 -6.90
CA THR A 99 5.53 6.05 -6.15
C THR A 99 4.28 6.61 -6.80
N VAL A 100 3.14 6.08 -6.41
CA VAL A 100 1.85 6.61 -6.85
C VAL A 100 1.55 7.91 -6.13
N TYR A 101 2.13 8.06 -4.94
CA TYR A 101 1.94 9.24 -4.12
C TYR A 101 2.33 10.52 -4.86
N ARG A 102 3.61 10.60 -5.25
CA ARG A 102 4.12 11.76 -5.99
C ARG A 102 3.44 11.85 -7.35
N GLU A 103 3.10 10.70 -7.90
CA GLU A 103 2.34 10.64 -9.15
C GLU A 103 1.02 11.39 -9.00
N LEU A 104 0.45 11.30 -7.81
CA LEU A 104 -0.86 11.90 -7.53
C LEU A 104 -0.75 13.39 -7.23
N GLN A 105 0.34 13.80 -6.60
CA GLN A 105 0.53 15.20 -6.27
C GLN A 105 1.04 15.99 -7.46
N LYS A 106 1.33 15.28 -8.55
CA LYS A 106 1.80 15.92 -9.78
C LYS A 106 0.66 16.18 -10.75
N LEU A 107 -0.24 15.20 -10.87
CA LEU A 107 -1.39 15.30 -11.76
C LEU A 107 -2.62 15.83 -11.03
N SER A 108 -2.56 15.84 -9.71
CA SER A 108 -3.66 16.28 -8.86
C SER A 108 -4.80 15.26 -8.80
N LYS A 109 -5.30 14.88 -9.98
CA LYS A 109 -6.33 13.86 -10.08
C LYS A 109 -5.92 12.79 -11.08
N PHE A 110 -6.61 11.65 -11.05
CA PHE A 110 -6.43 10.61 -12.05
C PHE A 110 -7.70 10.48 -12.87
N ASP A 111 -7.55 10.19 -14.16
CA ASP A 111 -8.72 9.90 -15.01
C ASP A 111 -9.23 8.51 -14.68
N GLU A 112 -10.43 8.19 -15.16
CA GLU A 112 -11.07 6.93 -14.84
C GLU A 112 -10.32 5.72 -15.40
N GLN A 113 -9.55 5.93 -16.46
CA GLN A 113 -8.78 4.85 -17.06
C GLN A 113 -7.59 4.46 -16.19
N ARG A 114 -6.88 5.47 -15.69
CA ARG A 114 -5.74 5.24 -14.81
C ARG A 114 -6.19 4.68 -13.47
N THR A 115 -7.28 5.23 -12.94
CA THR A 115 -7.81 4.79 -11.66
C THR A 115 -8.27 3.34 -11.71
N ALA A 116 -9.20 3.06 -12.63
CA ALA A 116 -9.74 1.71 -12.79
C ALA A 116 -8.63 0.70 -13.05
N THR A 117 -7.61 1.12 -13.78
CA THR A 117 -6.47 0.27 -14.09
C THR A 117 -5.68 -0.08 -12.83
N TYR A 118 -5.43 0.94 -12.01
CA TYR A 118 -4.72 0.72 -10.74
C TYR A 118 -5.51 -0.19 -9.82
N ILE A 119 -6.83 0.04 -9.75
CA ILE A 119 -7.71 -0.78 -8.93
C ILE A 119 -7.66 -2.25 -9.33
N THR A 120 -7.59 -2.50 -10.63
CA THR A 120 -7.53 -3.86 -11.15
C THR A 120 -6.24 -4.56 -10.72
N GLU A 121 -5.11 -3.87 -10.94
CA GLU A 121 -3.81 -4.41 -10.58
C GLU A 121 -3.75 -4.66 -9.07
N LEU A 122 -4.40 -3.79 -8.31
CA LEU A 122 -4.41 -3.88 -6.87
C LEU A 122 -5.30 -5.03 -6.38
N ALA A 123 -6.35 -5.31 -7.13
CA ALA A 123 -7.25 -6.41 -6.79
C ALA A 123 -6.60 -7.75 -7.08
N ASN A 124 -5.83 -7.81 -8.16
CA ASN A 124 -5.09 -9.02 -8.50
C ASN A 124 -4.03 -9.32 -7.44
N ALA A 125 -3.37 -8.27 -6.97
CA ALA A 125 -2.37 -8.41 -5.92
C ALA A 125 -3.03 -8.80 -4.61
N LEU A 126 -4.17 -8.19 -4.32
CA LEU A 126 -4.91 -8.48 -3.09
C LEU A 126 -5.54 -9.87 -3.14
N SER A 127 -6.05 -10.26 -4.30
CA SER A 127 -6.66 -11.57 -4.47
C SER A 127 -5.61 -12.66 -4.30
N TYR A 128 -4.37 -12.33 -4.65
CA TYR A 128 -3.24 -13.23 -4.45
C TYR A 128 -2.86 -13.31 -2.98
N CYS A 129 -2.85 -12.16 -2.32
CA CYS A 129 -2.52 -12.10 -0.90
C CYS A 129 -3.58 -12.78 -0.05
N HIS A 130 -4.85 -12.52 -0.37
CA HIS A 130 -5.97 -13.08 0.39
C HIS A 130 -6.04 -14.60 0.28
N SER A 131 -5.55 -15.14 -0.83
CA SER A 131 -5.56 -16.58 -1.02
C SER A 131 -4.43 -17.25 -0.23
N LYS A 132 -3.72 -16.46 0.54
CA LYS A 132 -2.63 -16.96 1.37
C LYS A 132 -2.84 -16.56 2.83
N ARG A 133 -4.03 -16.06 3.13
CA ARG A 133 -4.38 -15.62 4.48
C ARG A 133 -3.47 -14.49 4.93
N VAL A 134 -3.18 -13.57 4.01
CA VAL A 134 -2.34 -12.42 4.31
C VAL A 134 -3.08 -11.11 4.09
N ILE A 135 -3.23 -10.32 5.16
CA ILE A 135 -3.90 -9.03 5.07
C ILE A 135 -2.88 -7.90 5.15
N HIS A 136 -2.95 -6.98 4.19
CA HIS A 136 -2.02 -5.86 4.12
C HIS A 136 -2.39 -4.79 5.14
N ARG A 137 -3.68 -4.49 5.24
CA ARG A 137 -4.19 -3.52 6.21
C ARG A 137 -3.75 -2.09 5.91
N ASP A 138 -2.44 -1.89 5.78
CA ASP A 138 -1.89 -0.55 5.58
C ASP A 138 -1.76 -0.19 4.10
N ILE A 139 -2.88 -0.25 3.39
CA ILE A 139 -2.89 0.09 1.96
C ILE A 139 -3.08 1.58 1.76
N LYS A 140 -2.04 2.23 1.24
CA LYS A 140 -2.08 3.67 0.96
C LYS A 140 -1.18 4.01 -0.23
N PRO A 141 -1.35 5.21 -0.80
CA PRO A 141 -0.57 5.63 -1.97
C PRO A 141 0.93 5.66 -1.71
N GLU A 142 1.33 5.80 -0.45
CA GLU A 142 2.73 5.87 -0.10
C GLU A 142 3.40 4.49 -0.17
N ASN A 143 2.57 3.45 -0.24
CA ASN A 143 3.07 2.08 -0.35
C ASN A 143 2.82 1.51 -1.74
N LEU A 144 2.55 2.40 -2.70
CA LEU A 144 2.30 1.99 -4.07
C LEU A 144 3.37 2.55 -5.00
N LEU A 145 4.12 1.64 -5.63
CA LEU A 145 5.20 2.03 -6.52
C LEU A 145 4.87 1.68 -7.97
N LEU A 146 5.75 2.07 -8.89
CA LEU A 146 5.50 1.84 -10.31
C LEU A 146 6.66 1.11 -10.97
N GLY A 147 6.33 0.12 -11.79
CA GLY A 147 7.33 -0.66 -12.50
C GLY A 147 7.79 -0.01 -13.78
N SER A 148 8.63 -0.71 -14.54
CA SER A 148 9.21 -0.16 -15.77
C SER A 148 8.15 0.07 -16.84
N ALA A 149 7.08 -0.71 -16.80
CA ALA A 149 5.97 -0.55 -17.73
C ALA A 149 4.87 0.31 -17.13
N GLY A 150 5.10 0.77 -15.89
CA GLY A 150 4.14 1.61 -15.21
C GLY A 150 3.10 0.83 -14.43
N GLU A 151 3.36 -0.45 -14.19
CA GLU A 151 2.43 -1.29 -13.46
C GLU A 151 2.48 -0.98 -11.96
N LEU A 152 1.40 -1.31 -11.27
CA LEU A 152 1.32 -1.07 -9.83
C LEU A 152 2.18 -2.08 -9.07
N LYS A 153 2.71 -1.67 -7.93
CA LYS A 153 3.49 -2.56 -7.08
C LYS A 153 3.35 -2.21 -5.61
N ILE A 154 2.70 -3.10 -4.86
CA ILE A 154 2.53 -2.91 -3.42
C ILE A 154 3.84 -3.23 -2.70
N ALA A 155 4.29 -2.30 -1.85
CA ALA A 155 5.62 -2.39 -1.26
C ALA A 155 5.61 -2.74 0.23
N ASP A 156 5.21 -1.79 1.05
CA ASP A 156 5.34 -1.93 2.50
C ASP A 156 4.43 -3.03 3.07
N PHE A 157 4.97 -3.81 4.00
CA PHE A 157 4.23 -4.85 4.68
C PHE A 157 4.47 -4.81 6.19
N GLY A 158 4.79 -3.63 6.70
CA GLY A 158 5.08 -3.45 8.11
C GLY A 158 3.93 -3.85 9.02
N TRP A 159 2.71 -3.59 8.58
CA TRP A 159 1.52 -3.91 9.36
C TRP A 159 0.83 -5.16 8.85
N SER A 160 1.48 -5.88 7.94
CA SER A 160 0.89 -7.08 7.36
C SER A 160 0.96 -8.25 8.33
N VAL A 161 -0.15 -8.99 8.43
CA VAL A 161 -0.22 -10.16 9.30
C VAL A 161 -1.20 -11.19 8.76
N HIS A 162 -1.58 -12.15 9.61
CA HIS A 162 -2.51 -13.21 9.21
C HIS A 162 -3.87 -13.05 9.88
N ALA A 163 -4.89 -13.66 9.29
CA ALA A 163 -6.26 -13.58 9.82
C ALA A 163 -6.36 -14.28 11.18
N GLY A 173 -1.28 6.55 14.99
CA GLY A 173 -1.16 6.14 13.61
C GLY A 173 -1.96 7.02 12.67
N THR A 174 -1.94 6.66 11.38
CA THR A 174 -2.69 7.40 10.37
C THR A 174 -3.99 6.67 10.04
N LEU A 175 -5.12 7.34 10.27
CA LEU A 175 -6.43 6.69 10.22
C LEU A 175 -7.11 6.74 8.85
N ASP A 176 -6.66 7.62 7.97
CA ASP A 176 -7.37 7.92 6.72
C ASP A 176 -7.80 6.70 5.91
N TYR A 177 -7.06 5.59 6.03
CA TYR A 177 -7.35 4.41 5.21
C TYR A 177 -7.86 3.22 6.02
N LEU A 178 -7.75 3.31 7.34
CA LEU A 178 -8.20 2.23 8.19
C LEU A 178 -9.73 2.21 8.28
N PRO A 179 -10.32 1.01 8.24
CA PRO A 179 -11.77 0.83 8.29
C PRO A 179 -12.34 0.99 9.70
N PRO A 180 -13.67 1.10 9.81
CA PRO A 180 -14.39 1.26 11.08
C PRO A 180 -14.04 0.22 12.12
N GLU A 181 -14.07 -1.06 11.74
CA GLU A 181 -13.82 -2.14 12.68
C GLU A 181 -12.40 -2.12 13.23
N MET A 182 -11.44 -1.71 12.40
CA MET A 182 -10.04 -1.72 12.80
C MET A 182 -9.72 -0.59 13.77
N ILE A 183 -10.37 0.56 13.58
CA ILE A 183 -10.10 1.73 14.42
C ILE A 183 -10.84 1.64 15.76
N GLU A 184 -11.98 0.97 15.76
CA GLU A 184 -12.77 0.83 16.98
C GLU A 184 -12.23 -0.29 17.86
N GLY A 185 -11.15 -0.92 17.42
CA GLY A 185 -10.52 -1.99 18.17
C GLY A 185 -11.18 -3.34 17.95
N ARG A 186 -12.23 -3.36 17.13
CA ARG A 186 -12.97 -4.58 16.85
C ARG A 186 -12.13 -5.59 16.06
N MET A 187 -12.71 -6.76 15.81
CA MET A 187 -12.03 -7.83 15.09
C MET A 187 -12.12 -7.63 13.57
N HIS A 188 -10.96 -7.51 12.94
CA HIS A 188 -10.90 -7.24 11.50
C HIS A 188 -10.43 -8.46 10.70
N ASP A 189 -10.93 -8.59 9.48
CA ASP A 189 -10.55 -9.70 8.62
C ASP A 189 -10.07 -9.23 7.25
N GLU A 190 -10.22 -10.08 6.25
CA GLU A 190 -9.76 -9.78 4.89
C GLU A 190 -10.46 -8.56 4.30
N LYS A 191 -11.60 -8.20 4.90
CA LYS A 191 -12.44 -7.13 4.38
C LYS A 191 -11.88 -5.74 4.63
N VAL A 192 -10.85 -5.64 5.47
CA VAL A 192 -10.25 -4.34 5.78
C VAL A 192 -9.57 -3.77 4.55
N ASP A 193 -9.19 -4.64 3.62
CA ASP A 193 -8.52 -4.21 2.40
C ASP A 193 -9.52 -3.75 1.35
N LEU A 194 -10.72 -4.33 1.37
CA LEU A 194 -11.79 -3.90 0.48
C LEU A 194 -12.22 -2.47 0.80
N TRP A 195 -12.14 -2.12 2.08
CA TRP A 195 -12.43 -0.77 2.53
C TRP A 195 -11.31 0.17 2.10
N SER A 196 -10.08 -0.27 2.30
CA SER A 196 -8.91 0.50 1.89
C SER A 196 -8.92 0.70 0.39
N LEU A 197 -9.28 -0.37 -0.34
CA LEU A 197 -9.38 -0.32 -1.79
C LEU A 197 -10.39 0.72 -2.25
N GLY A 198 -11.46 0.89 -1.46
CA GLY A 198 -12.47 1.88 -1.75
C GLY A 198 -12.01 3.28 -1.43
N VAL A 199 -11.22 3.41 -0.36
CA VAL A 199 -10.68 4.71 0.03
C VAL A 199 -9.66 5.19 -1.00
N LEU A 200 -8.87 4.26 -1.53
CA LEU A 200 -7.86 4.60 -2.53
C LEU A 200 -8.49 5.01 -3.85
N CYS A 201 -9.53 4.29 -4.25
CA CYS A 201 -10.25 4.60 -5.48
C CYS A 201 -10.78 6.04 -5.44
N TYR A 202 -11.37 6.40 -4.31
CA TYR A 202 -11.90 7.74 -4.12
C TYR A 202 -10.81 8.80 -4.29
N GLU A 203 -9.68 8.59 -3.62
CA GLU A 203 -8.59 9.56 -3.64
C GLU A 203 -8.00 9.72 -5.04
N PHE A 204 -8.00 8.64 -5.81
CA PHE A 204 -7.48 8.69 -7.16
C PHE A 204 -8.32 9.60 -8.05
N LEU A 205 -9.63 9.63 -7.80
CA LEU A 205 -10.54 10.41 -8.60
C LEU A 205 -10.70 11.84 -8.09
N VAL A 206 -10.65 12.00 -6.78
CA VAL A 206 -10.89 13.30 -6.16
C VAL A 206 -9.61 14.05 -5.81
N GLY A 207 -8.58 13.31 -5.41
CA GLY A 207 -7.30 13.90 -5.06
C GLY A 207 -7.08 13.94 -3.55
N LYS A 208 -8.14 13.63 -2.80
CA LYS A 208 -8.07 13.58 -1.34
C LYS A 208 -8.93 12.43 -0.83
N PRO A 209 -8.59 11.90 0.36
CA PRO A 209 -9.34 10.79 0.96
C PRO A 209 -10.76 11.21 1.34
N PRO A 210 -11.70 10.24 1.33
CA PRO A 210 -13.12 10.49 1.60
C PRO A 210 -13.39 11.05 2.99
N PHE A 211 -12.51 10.73 3.94
CA PHE A 211 -12.72 11.09 5.33
C PHE A 211 -11.64 12.01 5.88
N GLU A 212 -10.94 12.69 4.98
CA GLU A 212 -9.84 13.58 5.39
C GLU A 212 -10.34 14.65 6.36
N ALA A 213 -9.45 15.06 7.26
CA ALA A 213 -9.79 16.06 8.26
C ALA A 213 -8.54 16.79 8.75
N ASN A 214 -8.71 17.60 9.79
CA ASN A 214 -7.58 18.34 10.35
C ASN A 214 -7.13 17.78 11.69
N THR A 215 -7.95 16.92 12.29
CA THR A 215 -7.59 16.28 13.55
C THR A 215 -7.89 14.80 13.56
N TYR A 216 -7.08 14.05 14.30
CA TYR A 216 -7.26 12.62 14.50
C TYR A 216 -8.64 12.32 15.08
N GLN A 217 -9.00 13.05 16.13
CA GLN A 217 -10.29 12.87 16.80
C GLN A 217 -11.46 13.01 15.84
N GLU A 218 -11.32 13.89 14.86
CA GLU A 218 -12.39 14.18 13.91
C GLU A 218 -12.52 13.12 12.84
N THR A 219 -11.39 12.75 12.24
CA THR A 219 -11.36 11.72 11.21
C THR A 219 -11.94 10.41 11.74
N TYR A 220 -11.74 10.18 13.04
CA TYR A 220 -12.26 9.00 13.71
C TYR A 220 -13.79 8.96 13.63
N LYS A 221 -14.42 10.12 13.83
CA LYS A 221 -15.87 10.21 13.73
C LYS A 221 -16.33 10.03 12.28
N ARG A 222 -15.59 10.60 11.35
CA ARG A 222 -15.90 10.46 9.93
C ARG A 222 -15.93 9.00 9.49
N ILE A 223 -14.89 8.27 9.87
CA ILE A 223 -14.77 6.86 9.51
C ILE A 223 -15.85 6.00 10.16
N SER A 224 -16.05 6.22 11.47
CA SER A 224 -16.99 5.40 12.25
C SER A 224 -18.44 5.60 11.82
N ARG A 225 -18.75 6.78 11.29
CA ARG A 225 -20.10 7.09 10.86
C ARG A 225 -20.25 6.96 9.34
N VAL A 226 -19.12 6.77 8.66
CA VAL A 226 -19.10 6.64 7.21
C VAL A 226 -19.68 7.87 6.53
N GLU A 227 -19.13 9.04 6.86
CA GLU A 227 -19.63 10.30 6.32
C GLU A 227 -18.73 10.82 5.20
N PHE A 228 -19.16 10.62 3.95
CA PHE A 228 -18.41 11.09 2.80
C PHE A 228 -19.35 11.53 1.67
N THR A 229 -18.94 12.55 0.92
CA THR A 229 -19.75 13.08 -0.16
C THR A 229 -18.98 13.14 -1.47
N PHE A 230 -19.70 13.11 -2.59
CA PHE A 230 -19.08 13.11 -3.92
C PHE A 230 -19.10 14.49 -4.55
N PRO A 231 -17.95 14.93 -5.07
CA PRO A 231 -17.93 16.11 -5.95
C PRO A 231 -18.66 15.81 -7.26
N ASP A 232 -19.08 16.85 -7.97
CA ASP A 232 -19.93 16.67 -9.16
C ASP A 232 -19.29 15.83 -10.26
N PHE A 233 -17.99 16.03 -10.50
CA PHE A 233 -17.33 15.39 -11.63
C PHE A 233 -17.12 13.89 -11.47
N VAL A 234 -17.61 13.33 -10.37
CA VAL A 234 -17.47 11.90 -10.13
C VAL A 234 -18.68 11.16 -10.69
N THR A 235 -18.46 10.37 -11.73
CA THR A 235 -19.54 9.68 -12.44
C THR A 235 -20.28 8.67 -11.56
N GLU A 236 -21.42 8.21 -12.05
CA GLU A 236 -22.25 7.25 -11.32
C GLU A 236 -21.59 5.89 -11.19
N GLY A 237 -20.86 5.49 -12.23
CA GLY A 237 -20.16 4.21 -12.21
C GLY A 237 -19.19 4.11 -11.06
N ALA A 238 -18.48 5.20 -10.78
CA ALA A 238 -17.51 5.24 -9.69
C ALA A 238 -18.21 5.39 -8.35
N ARG A 239 -19.25 6.21 -8.32
CA ARG A 239 -20.02 6.42 -7.08
C ARG A 239 -20.64 5.12 -6.60
N ASP A 240 -20.88 4.19 -7.52
CA ASP A 240 -21.48 2.91 -7.17
C ASP A 240 -20.45 1.96 -6.57
N LEU A 241 -19.31 1.83 -7.23
CA LEU A 241 -18.24 0.94 -6.76
C LEU A 241 -17.71 1.39 -5.40
N ILE A 242 -17.53 2.70 -5.24
CA ILE A 242 -16.99 3.26 -4.01
C ILE A 242 -17.94 3.07 -2.84
N SER A 243 -19.24 3.26 -3.10
CA SER A 243 -20.25 3.13 -2.06
C SER A 243 -20.40 1.68 -1.61
N ARG A 244 -20.15 0.75 -2.52
CA ARG A 244 -20.23 -0.67 -2.20
C ARG A 244 -19.06 -1.10 -1.32
N LEU A 245 -17.89 -0.57 -1.61
CA LEU A 245 -16.68 -0.90 -0.85
C LEU A 245 -16.67 -0.27 0.53
N LEU A 246 -17.28 0.91 0.64
CA LEU A 246 -17.27 1.68 1.88
C LEU A 246 -18.52 1.46 2.72
N LYS A 247 -18.89 0.20 2.93
CA LYS A 247 -19.97 -0.15 3.84
C LYS A 247 -19.41 -0.35 5.24
N HIS A 248 -20.15 0.12 6.25
CA HIS A 248 -19.72 -0.07 7.63
C HIS A 248 -19.69 -1.56 7.98
N ASN A 249 -20.65 -2.30 7.47
CA ASN A 249 -20.73 -3.74 7.68
C ASN A 249 -19.69 -4.46 6.82
N PRO A 250 -18.70 -5.10 7.48
CA PRO A 250 -17.62 -5.82 6.81
C PRO A 250 -18.11 -6.89 5.84
N SER A 251 -19.28 -7.48 6.12
CA SER A 251 -19.81 -8.55 5.28
C SER A 251 -20.59 -8.01 4.08
N GLN A 252 -21.01 -6.75 4.16
CA GLN A 252 -21.76 -6.12 3.08
C GLN A 252 -20.85 -5.77 1.90
N ARG A 253 -19.55 -5.85 2.11
CA ARG A 253 -18.58 -5.50 1.07
C ARG A 253 -18.41 -6.63 0.06
N PRO A 254 -18.16 -6.26 -1.21
CA PRO A 254 -17.99 -7.24 -2.29
C PRO A 254 -16.70 -8.03 -2.15
N MET A 255 -16.59 -9.12 -2.91
CA MET A 255 -15.35 -9.87 -2.98
C MET A 255 -14.42 -9.20 -3.97
N LEU A 256 -13.18 -9.67 -4.05
CA LEU A 256 -12.24 -9.14 -5.03
C LEU A 256 -12.66 -9.59 -6.42
N ARG A 257 -13.41 -10.68 -6.48
CA ARG A 257 -13.96 -11.18 -7.74
C ARG A 257 -15.04 -10.24 -8.27
N GLU A 258 -15.94 -9.85 -7.38
CA GLU A 258 -17.05 -8.97 -7.75
C GLU A 258 -16.55 -7.57 -8.13
N VAL A 259 -15.46 -7.13 -7.50
CA VAL A 259 -14.86 -5.84 -7.80
C VAL A 259 -14.29 -5.81 -9.21
N LEU A 260 -13.51 -6.82 -9.54
CA LEU A 260 -12.87 -6.93 -10.85
C LEU A 260 -13.90 -6.95 -11.97
N GLU A 261 -15.04 -7.58 -11.72
CA GLU A 261 -16.08 -7.70 -12.75
C GLU A 261 -17.16 -6.66 -12.55
N HIS A 262 -16.80 -5.53 -11.96
CA HIS A 262 -17.73 -4.41 -11.82
C HIS A 262 -17.75 -3.61 -13.12
N PRO A 263 -18.96 -3.24 -13.58
CA PRO A 263 -19.20 -2.55 -14.85
C PRO A 263 -18.25 -1.38 -15.10
N TRP A 264 -18.10 -0.50 -14.11
CA TRP A 264 -17.25 0.66 -14.25
C TRP A 264 -15.78 0.27 -14.38
N ILE A 265 -15.38 -0.77 -13.65
CA ILE A 265 -14.01 -1.29 -13.73
C ILE A 265 -13.75 -1.89 -15.10
N THR A 266 -14.65 -2.77 -15.54
CA THR A 266 -14.53 -3.43 -16.83
C THR A 266 -14.53 -2.43 -17.99
N ALA A 267 -15.24 -1.33 -17.82
CA ALA A 267 -15.41 -0.35 -18.88
C ALA A 267 -14.17 0.50 -19.09
N ASN A 268 -13.47 0.83 -18.01
CA ASN A 268 -12.37 1.78 -18.08
C ASN A 268 -10.98 1.19 -17.79
N SER A 269 -10.94 -0.06 -17.33
CA SER A 269 -9.67 -0.71 -17.04
C SER A 269 -9.02 -1.22 -18.33
N SER A 270 -7.74 -1.58 -18.24
CA SER A 270 -7.00 -2.07 -19.39
C SER A 270 -6.91 -3.59 -19.38
C01 6F2 B . 7.04 15.42 -0.67
N02 6F2 B . 7.80 14.49 -0.93
C03 6F2 B . 7.72 14.13 -2.28
C04 6F2 B . 8.67 12.99 -2.62
N05 6F2 B . 8.51 11.90 -1.79
C06 6F2 B . 8.40 10.55 -2.31
O07 6F2 B . 8.45 10.36 -3.51
C08 6F2 B . 8.26 9.34 -1.39
C09 6F2 B . 7.02 8.97 -0.89
C10 6F2 B . 6.90 7.85 -0.06
C11 6F2 B . 8.04 7.09 0.26
C12 6F2 B . 9.28 7.46 -0.24
C13 6F2 B . 10.51 6.64 0.09
N14 6F2 B . 10.36 5.33 -0.60
C15 6F2 B . 11.05 4.95 -1.70
C16 6F2 B . 10.61 3.65 -2.07
C17 6F2 B . 11.07 2.90 -3.16
C18 6F2 B . 11.28 1.50 -3.08
CL 6F2 B . 10.98 0.60 -1.63
C20 6F2 B . 11.74 0.80 -4.21
N21 6F2 B . 11.99 1.42 -5.37
C22 6F2 B . 11.80 2.79 -5.49
N23 6F2 B . 11.98 3.67 -6.53
C24 6F2 B . 11.65 4.93 -6.13
C25 6F2 B . 11.73 6.07 -6.96
C26 6F2 B . 12.09 6.04 -8.32
N27 6F2 B . 12.05 7.30 -8.79
C28 6F2 B . 12.35 7.69 -10.15
N29 6F2 B . 11.70 8.13 -7.79
C30 6F2 B . 11.49 7.41 -6.66
C31 6F2 B . 11.08 7.99 -5.32
N32 6F2 B . 11.27 4.86 -4.83
C33 6F2 B . 11.36 3.53 -4.41
C34 6F2 B . 9.63 3.30 -1.15
N35 6F2 B . 9.50 4.34 -0.27
C36 6F2 B . 9.39 8.58 -1.07
C37 6F2 B . 8.49 12.22 -0.46
C38 6F2 B . 7.56 13.37 -0.11
H011 6F2 B . 6.13 15.20 -0.97
H012 6F2 B . 7.04 15.58 0.31
H013 6F2 B . 7.34 16.24 -1.14
H031 6F2 B . 6.80 13.88 -2.50
H032 6F2 B . 7.95 14.92 -2.84
H381 6F2 B . 7.70 13.63 0.82
H382 6F2 B . 6.62 13.08 -0.23
H041 6F2 B . 8.50 12.71 -3.56
H042 6F2 B . 9.60 13.31 -2.55
H371 6F2 B . 8.22 11.41 0.05
H372 6F2 B . 9.42 12.43 -0.18
H09 6F2 B . 6.21 9.50 -1.12
H36 6F2 B . 10.28 8.84 -1.44
H10 6F2 B . 6.04 7.60 0.29
H11 6F2 B . 7.96 6.30 0.86
H131 6F2 B . 11.32 7.10 -0.26
H132 6F2 B . 10.59 6.53 1.08
H15 6F2 B . 11.71 5.47 -2.15
H34 6F2 B . 9.14 2.46 -1.13
H20 6F2 B . 11.88 -0.18 -4.15
H23 6F2 B . 12.28 3.44 -7.38
H26 6F2 B . 12.31 5.25 -8.83
H281 6F2 B . 11.55 7.62 -10.70
H282 6F2 B . 13.06 7.09 -10.52
H283 6F2 B . 12.69 8.62 -10.15
H311 6F2 B . 11.77 8.62 -5.02
H312 6F2 B . 10.99 7.27 -4.66
H313 6F2 B . 10.22 8.45 -5.42
#